data_3T8F
#
_entry.id   3T8F
#
_cell.length_a   92.400
_cell.length_b   92.400
_cell.length_c   131.200
_cell.angle_alpha   90.00
_cell.angle_beta   90.00
_cell.angle_gamma   120.00
#
_symmetry.space_group_name_H-M   'P 61 2 2'
#
loop_
_entity.id
_entity.type
_entity.pdbx_description
1 polymer Thermolysin
2 non-polymer N-[(R)-({[(benzyloxy)carbonyl]amino}methyl)(hydroxy)phosphoryl]-N-ethyl-L-leucinamide
3 non-polymer GLYCEROL
4 non-polymer 'DIMETHYL SULFOXIDE'
5 non-polymer 'ZINC ION'
6 non-polymer 'CALCIUM ION'
7 water water
#
_entity_poly.entity_id   1
_entity_poly.type   'polypeptide(L)'
_entity_poly.pdbx_seq_one_letter_code
;ITGTSTVGVGRGVLGDQKNINTTYSTYYYLQDNTRGNGIFTYDAKYRTTLPGSLWADADNQFFASYDAPAVDAHYYAGVT
YDYYKNVHNRLSYDGNNAAIRSSVHYSQGYNNAFWNGSQMVYGDGDGQTFIPLSGGIDVVAHELTHAVTDYTAGLIYQNE
SGAINEAISDIFGTLVEFYANKNPDWEIGEDVYTPGISGDSLRSMSDPAKYGDPDHYSKRYTGTQDNGGVHINSGIINKA
AYLISQGGTHYGVSVVGIGRDKLGKIFYRALTQYLTPTSNFSQLRAAAVQSATDLYGSTSQEVASVKQAFDAVGVK
;
_entity_poly.pdbx_strand_id   A
#
loop_
_chem_comp.id
_chem_comp.type
_chem_comp.name
_chem_comp.formula
CA non-polymer 'CALCIUM ION' 'Ca 2'
DMS non-polymer 'DIMETHYL SULFOXIDE' 'C2 H6 O S'
GOL non-polymer GLYCEROL 'C3 H8 O3'
UBU peptide-like N-[(R)-({[(benzyloxy)carbonyl]amino}methyl)(hydroxy)phosphoryl]-N-ethyl-L-leucinamide 'C17 H28 N3 O5 P'
ZN non-polymer 'ZINC ION' 'Zn 2'
#
# COMPACT_ATOMS: atom_id res chain seq x y z
N ILE A 1 5.74 23.13 -9.98
CA ILE A 1 5.76 24.42 -10.65
C ILE A 1 5.17 25.50 -9.75
N THR A 2 5.49 26.74 -10.05
CA THR A 2 4.95 27.88 -9.32
C THR A 2 3.60 28.26 -9.92
N GLY A 3 2.58 28.36 -9.07
CA GLY A 3 1.26 28.72 -9.55
C GLY A 3 0.31 28.87 -8.39
N THR A 4 -0.99 28.89 -8.67
CA THR A 4 -1.95 29.03 -7.59
C THR A 4 -2.74 27.74 -7.42
N SER A 5 -3.03 27.40 -6.17
CA SER A 5 -3.74 26.16 -5.88
C SER A 5 -5.19 26.23 -6.34
N THR A 6 -5.61 25.18 -7.04
CA THR A 6 -6.93 25.12 -7.63
C THR A 6 -7.56 23.76 -7.33
N VAL A 7 -8.84 23.61 -7.66
CA VAL A 7 -9.54 22.35 -7.43
C VAL A 7 -10.22 21.91 -8.71
N GLY A 8 -9.72 20.82 -9.27
CA GLY A 8 -10.29 20.23 -10.46
C GLY A 8 -11.28 19.13 -10.11
N VAL A 9 -11.94 18.60 -11.14
CA VAL A 9 -12.87 17.52 -10.95
CA VAL A 9 -12.91 17.53 -10.97
C VAL A 9 -12.71 16.52 -12.09
N GLY A 10 -12.91 15.25 -11.78
CA GLY A 10 -12.75 14.25 -12.80
C GLY A 10 -13.32 12.92 -12.37
N ARG A 11 -13.01 11.90 -13.16
CA ARG A 11 -13.51 10.55 -12.94
CA ARG A 11 -13.50 10.56 -12.88
C ARG A 11 -12.33 9.59 -12.82
N GLY A 12 -12.36 8.72 -11.84
CA GLY A 12 -11.32 7.72 -11.67
C GLY A 12 -11.54 6.50 -12.54
N VAL A 13 -10.64 5.54 -12.38
CA VAL A 13 -10.64 4.30 -13.15
C VAL A 13 -11.97 3.54 -13.08
N LEU A 14 -12.62 3.56 -11.93
CA LEU A 14 -13.89 2.84 -11.75
CA LEU A 14 -13.89 2.85 -11.74
C LEU A 14 -15.11 3.70 -12.08
N GLY A 15 -14.88 4.89 -12.62
CA GLY A 15 -15.97 5.74 -13.06
C GLY A 15 -16.58 6.66 -12.02
N ASP A 16 -15.93 6.75 -10.87
CA ASP A 16 -16.40 7.59 -9.77
C ASP A 16 -15.87 9.01 -9.88
N GLN A 17 -16.72 9.99 -9.57
CA GLN A 17 -16.31 11.39 -9.64
C GLN A 17 -15.62 11.82 -8.36
N LYS A 18 -14.53 12.56 -8.50
CA LYS A 18 -13.89 13.12 -7.31
C LYS A 18 -13.24 14.45 -7.63
N ASN A 19 -13.07 15.26 -6.60
CA ASN A 19 -12.32 16.50 -6.72
C ASN A 19 -10.85 16.22 -6.49
N ILE A 20 -9.99 16.92 -7.22
CA ILE A 20 -8.56 16.78 -7.02
CA ILE A 20 -8.55 16.78 -7.07
C ILE A 20 -7.87 18.14 -6.91
N ASN A 21 -6.84 18.18 -6.09
CA ASN A 21 -6.06 19.40 -5.90
C ASN A 21 -5.08 19.60 -7.03
N THR A 22 -5.19 20.73 -7.71
CA THR A 22 -4.34 21.02 -8.86
C THR A 22 -3.63 22.35 -8.69
N THR A 23 -2.78 22.71 -9.65
CA THR A 23 -2.06 23.99 -9.62
C THR A 23 -2.21 24.66 -10.98
N TYR A 24 -2.62 25.92 -10.98
CA TYR A 24 -2.79 26.63 -12.23
C TYR A 24 -1.63 27.57 -12.54
N SER A 25 -1.04 27.35 -13.71
CA SER A 25 -0.07 28.26 -14.31
C SER A 25 -0.09 27.97 -15.81
N THR A 26 -0.91 28.74 -16.53
CA THR A 26 -1.21 28.49 -17.95
C THR A 26 -2.05 27.23 -18.14
N TYR A 27 -1.52 26.09 -17.70
CA TYR A 27 -2.27 24.84 -17.63
C TYR A 27 -2.64 24.55 -16.18
N TYR A 28 -3.57 23.62 -16.00
CA TYR A 28 -3.83 23.03 -14.69
C TYR A 28 -3.03 21.75 -14.56
N TYR A 29 -2.17 21.71 -13.55
CA TYR A 29 -1.29 20.57 -13.35
C TYR A 29 -1.75 19.72 -12.18
N LEU A 30 -1.47 18.42 -12.26
CA LEU A 30 -1.71 17.53 -11.12
C LEU A 30 -0.60 17.72 -10.10
N GLN A 31 -0.75 18.82 -9.36
CA GLN A 31 0.18 19.19 -8.32
C GLN A 31 -0.68 19.70 -7.18
N ASP A 32 -0.69 18.93 -6.10
CA ASP A 32 -1.49 19.19 -4.91
C ASP A 32 -0.59 19.88 -3.89
N ASN A 33 -0.82 21.17 -3.65
CA ASN A 33 0.02 21.93 -2.73
C ASN A 33 -0.48 21.89 -1.30
N THR A 34 -1.60 21.21 -1.08
CA THR A 34 -2.24 21.23 0.24
C THR A 34 -1.62 20.25 1.22
N ARG A 35 -0.73 19.39 0.72
CA ARG A 35 -0.15 18.33 1.53
C ARG A 35 1.37 18.35 1.45
N GLY A 36 2.01 18.60 2.59
CA GLY A 36 3.45 18.63 2.66
C GLY A 36 4.09 19.53 1.64
N ASN A 37 5.13 19.03 1.00
CA ASN A 37 5.78 19.76 -0.08
C ASN A 37 5.29 19.32 -1.45
N GLY A 38 4.05 18.83 -1.47
CA GLY A 38 3.34 18.59 -2.70
C GLY A 38 3.19 17.12 -3.07
N ILE A 39 2.14 16.85 -3.82
CA ILE A 39 1.92 15.57 -4.48
C ILE A 39 1.85 15.89 -5.97
N PHE A 40 2.66 15.19 -6.75
CA PHE A 40 2.87 15.50 -8.16
C PHE A 40 2.61 14.23 -8.97
N THR A 41 1.76 14.32 -9.98
CA THR A 41 1.42 13.16 -10.79
C THR A 41 1.82 13.42 -12.25
N TYR A 42 2.48 12.42 -12.86
CA TYR A 42 3.13 12.54 -14.16
C TYR A 42 2.55 11.56 -15.18
N ASP A 43 2.66 11.92 -16.44
CA ASP A 43 2.27 11.07 -17.56
C ASP A 43 3.53 10.39 -18.14
N ALA A 44 3.60 9.07 -18.04
CA ALA A 44 4.69 8.33 -18.68
C ALA A 44 4.40 7.96 -20.14
N LYS A 45 3.17 8.23 -20.61
CA LYS A 45 2.84 8.17 -22.04
C LYS A 45 3.13 6.85 -22.71
N TYR A 46 2.90 5.77 -21.98
CA TYR A 46 3.11 4.39 -22.45
C TYR A 46 4.57 3.99 -22.59
N ARG A 47 5.48 4.87 -22.19
CA ARG A 47 6.89 4.54 -22.27
C ARG A 47 7.44 4.28 -20.87
N THR A 48 8.75 4.05 -20.79
CA THR A 48 9.38 3.61 -19.54
C THR A 48 10.40 4.59 -19.00
N THR A 49 10.53 5.74 -19.65
CA THR A 49 11.36 6.80 -19.13
CA THR A 49 11.34 6.83 -19.15
C THR A 49 10.59 7.54 -18.03
N LEU A 50 11.25 7.73 -16.90
CA LEU A 50 10.59 8.29 -15.72
C LEU A 50 11.24 9.59 -15.25
N PRO A 51 10.43 10.50 -14.69
CA PRO A 51 9.00 10.34 -14.38
C PRO A 51 8.06 10.59 -15.56
N GLY A 52 8.56 11.14 -16.65
CA GLY A 52 7.69 11.60 -17.71
C GLY A 52 7.39 13.07 -17.49
N SER A 53 6.23 13.52 -17.94
CA SER A 53 5.88 14.94 -17.87
CA SER A 53 5.92 14.94 -17.84
C SER A 53 4.84 15.20 -16.79
N LEU A 54 5.04 16.28 -16.04
CA LEU A 54 4.06 16.63 -15.02
C LEU A 54 2.70 16.79 -15.72
N TRP A 55 1.68 16.16 -15.18
CA TRP A 55 0.41 16.08 -15.88
C TRP A 55 -0.22 17.46 -16.06
N ALA A 56 -0.43 17.85 -17.32
CA ALA A 56 -0.98 19.14 -17.67
C ALA A 56 -2.34 18.97 -18.33
N ASP A 57 -3.28 19.82 -17.95
CA ASP A 57 -4.64 19.75 -18.50
C ASP A 57 -5.15 21.17 -18.75
N ALA A 58 -5.82 21.37 -19.88
CA ALA A 58 -6.23 22.71 -20.28
C ALA A 58 -7.36 23.33 -19.45
N ASP A 59 -8.30 22.52 -18.96
CA ASP A 59 -9.51 23.07 -18.34
C ASP A 59 -9.84 22.65 -16.91
N ASN A 60 -8.94 21.89 -16.28
CA ASN A 60 -9.15 21.46 -14.88
C ASN A 60 -10.29 20.44 -14.73
N GLN A 61 -10.70 19.84 -15.84
CA GLN A 61 -11.71 18.77 -15.84
C GLN A 61 -11.03 17.52 -16.36
N PHE A 62 -11.19 16.43 -15.63
CA PHE A 62 -10.43 15.22 -15.90
C PHE A 62 -11.35 14.02 -16.09
N PHE A 63 -12.19 14.09 -17.12
CA PHE A 63 -13.20 13.06 -17.38
C PHE A 63 -12.87 12.18 -18.58
N ALA A 64 -11.73 12.39 -19.22
CA ALA A 64 -11.34 11.56 -20.34
C ALA A 64 -10.84 10.21 -19.83
N SER A 65 -11.04 9.17 -20.63
CA SER A 65 -10.57 7.84 -20.25
CA SER A 65 -10.57 7.84 -20.25
CA SER A 65 -10.57 7.85 -20.23
C SER A 65 -9.08 7.87 -19.91
N TYR A 66 -8.30 8.61 -20.70
CA TYR A 66 -6.86 8.70 -20.51
C TYR A 66 -6.51 9.37 -19.17
N ASP A 67 -7.43 10.19 -18.65
CA ASP A 67 -7.20 10.90 -17.40
C ASP A 67 -7.37 10.03 -16.16
N ALA A 68 -8.19 8.98 -16.28
CA ALA A 68 -8.65 8.25 -15.10
C ALA A 68 -7.55 7.71 -14.19
N PRO A 69 -6.50 7.07 -14.76
CA PRO A 69 -5.45 6.56 -13.88
C PRO A 69 -4.71 7.68 -13.15
N ALA A 70 -4.58 8.84 -13.78
CA ALA A 70 -3.91 9.96 -13.14
C ALA A 70 -4.76 10.53 -12.00
N VAL A 71 -6.05 10.67 -12.23
CA VAL A 71 -6.97 11.14 -11.20
C VAL A 71 -6.82 10.29 -9.94
N ASP A 72 -6.86 8.97 -10.10
CA ASP A 72 -6.79 8.08 -8.94
C ASP A 72 -5.42 8.02 -8.28
N ALA A 73 -4.34 7.99 -9.07
CA ALA A 73 -3.02 8.02 -8.45
C ALA A 73 -2.85 9.26 -7.58
N HIS A 74 -3.32 10.39 -8.12
CA HIS A 74 -3.18 11.67 -7.45
C HIS A 74 -4.04 11.70 -6.18
N TYR A 75 -5.31 11.35 -6.33
CA TYR A 75 -6.25 11.40 -5.21
C TYR A 75 -5.89 10.41 -4.11
N TYR A 76 -5.59 9.17 -4.48
CA TYR A 76 -5.27 8.17 -3.47
C TYR A 76 -3.92 8.41 -2.79
N ALA A 77 -2.98 9.05 -3.48
CA ALA A 77 -1.76 9.49 -2.80
C ALA A 77 -2.12 10.48 -1.70
N GLY A 78 -3.08 11.36 -1.97
CA GLY A 78 -3.55 12.30 -0.96
C GLY A 78 -4.16 11.61 0.24
N VAL A 79 -5.01 10.61 -0.01
CA VAL A 79 -5.62 9.87 1.09
C VAL A 79 -4.54 9.17 1.94
N THR A 80 -3.57 8.58 1.27
CA THR A 80 -2.49 7.88 1.96
C THR A 80 -1.65 8.85 2.80
N TYR A 81 -1.36 10.02 2.25
CA TYR A 81 -0.65 11.06 2.98
C TYR A 81 -1.44 11.40 4.24
N ASP A 82 -2.75 11.57 4.10
CA ASP A 82 -3.60 11.93 5.22
C ASP A 82 -3.59 10.85 6.29
N TYR A 83 -3.63 9.59 5.88
CA TYR A 83 -3.59 8.50 6.83
C TYR A 83 -2.32 8.57 7.67
N TYR A 84 -1.18 8.66 7.01
CA TYR A 84 0.07 8.66 7.76
C TYR A 84 0.19 9.88 8.68
N LYS A 85 -0.24 11.06 8.20
CA LYS A 85 -0.16 12.26 9.01
C LYS A 85 -1.15 12.21 10.18
N ASN A 86 -2.41 11.91 9.89
CA ASN A 86 -3.45 11.98 10.90
C ASN A 86 -3.40 10.84 11.90
N VAL A 87 -3.05 9.65 11.43
CA VAL A 87 -3.06 8.47 12.29
C VAL A 87 -1.72 8.22 12.98
N HIS A 88 -0.61 8.46 12.28
CA HIS A 88 0.71 8.15 12.84
C HIS A 88 1.61 9.36 13.04
N ASN A 89 1.10 10.55 12.79
CA ASN A 89 1.89 11.76 12.91
C ASN A 89 3.16 11.68 12.09
N ARG A 90 3.06 11.06 10.92
CA ARG A 90 4.19 10.97 10.00
C ARG A 90 3.94 11.86 8.79
N LEU A 91 4.89 12.74 8.48
CA LEU A 91 4.77 13.70 7.40
C LEU A 91 5.45 13.16 6.15
N SER A 92 4.65 12.65 5.23
CA SER A 92 5.14 12.00 4.00
C SER A 92 6.00 10.78 4.28
N TYR A 93 6.59 10.22 3.24
CA TYR A 93 7.28 8.93 3.41
C TYR A 93 8.58 9.05 4.18
N ASP A 94 9.22 10.21 4.12
CA ASP A 94 10.50 10.38 4.82
C ASP A 94 10.33 11.02 6.20
N GLY A 95 9.10 11.35 6.57
CA GLY A 95 8.86 12.00 7.85
C GLY A 95 9.17 13.49 7.84
N ASN A 96 9.57 14.01 6.69
CA ASN A 96 9.93 15.42 6.56
C ASN A 96 9.24 16.07 5.37
N ASN A 97 8.06 15.55 5.04
CA ASN A 97 7.25 16.11 3.96
C ASN A 97 7.90 16.08 2.57
N ALA A 98 8.65 15.02 2.28
CA ALA A 98 9.17 14.85 0.93
C ALA A 98 8.05 14.92 -0.10
N ALA A 99 8.32 15.57 -1.23
CA ALA A 99 7.38 15.58 -2.33
C ALA A 99 7.06 14.15 -2.77
N ILE A 100 5.79 13.88 -3.02
CA ILE A 100 5.35 12.57 -3.44
C ILE A 100 5.09 12.57 -4.95
N ARG A 101 5.82 11.73 -5.69
CA ARG A 101 5.71 11.72 -7.14
C ARG A 101 5.22 10.37 -7.63
N SER A 102 4.27 10.39 -8.57
CA SER A 102 3.73 9.18 -9.20
C SER A 102 3.70 9.36 -10.71
N SER A 103 4.00 8.31 -11.45
CA SER A 103 3.78 8.28 -12.89
C SER A 103 2.76 7.22 -13.25
N VAL A 104 1.85 7.57 -14.17
CA VAL A 104 0.86 6.62 -14.67
C VAL A 104 1.06 6.42 -16.17
N HIS A 105 0.32 5.49 -16.74
CA HIS A 105 0.51 5.06 -18.12
C HIS A 105 1.95 4.60 -18.37
N TYR A 106 2.50 3.89 -17.39
CA TYR A 106 3.85 3.33 -17.57
C TYR A 106 3.83 2.11 -18.45
N SER A 107 4.64 2.14 -19.50
CA SER A 107 4.79 1.03 -20.45
C SER A 107 3.47 0.69 -21.14
N GLN A 108 3.40 -0.51 -21.72
CA GLN A 108 2.20 -0.98 -22.41
C GLN A 108 1.75 -2.30 -21.83
N GLY A 109 0.47 -2.42 -21.52
CA GLY A 109 -0.09 -3.65 -20.99
C GLY A 109 0.57 -4.10 -19.70
N TYR A 110 1.01 -3.12 -18.90
CA TYR A 110 1.89 -3.42 -17.78
C TYR A 110 1.12 -3.80 -16.51
N ASN A 111 1.26 -5.07 -16.12
CA ASN A 111 0.46 -5.66 -15.04
C ASN A 111 1.17 -5.53 -13.70
N ASN A 112 1.55 -4.31 -13.34
CA ASN A 112 2.21 -4.12 -12.05
C ASN A 112 2.28 -2.64 -11.71
N ALA A 113 2.74 -2.38 -10.49
CA ALA A 113 3.01 -1.03 -10.01
C ALA A 113 4.19 -1.19 -9.06
N PHE A 114 4.97 -0.13 -8.86
CA PHE A 114 6.15 -0.25 -8.01
C PHE A 114 6.65 1.09 -7.51
N TRP A 115 7.47 1.04 -6.48
CA TRP A 115 8.26 2.18 -6.02
C TRP A 115 9.66 1.96 -6.58
N ASN A 116 10.18 2.92 -7.34
CA ASN A 116 11.46 2.70 -8.03
C ASN A 116 12.68 3.20 -7.26
N GLY A 117 12.47 3.52 -5.98
CA GLY A 117 13.50 4.11 -5.14
C GLY A 117 13.30 5.61 -4.95
N SER A 118 12.50 6.23 -5.83
CA SER A 118 12.30 7.69 -5.80
C SER A 118 10.85 8.12 -6.04
N GLN A 119 10.03 7.23 -6.60
CA GLN A 119 8.67 7.60 -6.98
C GLN A 119 7.82 6.36 -7.17
N MET A 120 6.50 6.55 -7.20
CA MET A 120 5.58 5.47 -7.51
C MET A 120 5.34 5.40 -9.02
N VAL A 121 5.11 4.19 -9.51
CA VAL A 121 4.94 3.93 -10.95
C VAL A 121 3.78 2.96 -11.15
N TYR A 122 2.84 3.28 -12.03
CA TYR A 122 1.65 2.44 -12.26
C TYR A 122 1.49 2.06 -13.71
N GLY A 123 1.40 0.77 -13.97
CA GLY A 123 1.00 0.30 -15.28
C GLY A 123 -0.49 0.49 -15.49
N ASP A 124 -0.90 0.34 -16.74
CA ASP A 124 -2.32 0.37 -17.10
C ASP A 124 -2.95 -1.02 -17.05
N GLY A 125 -2.13 -2.06 -16.87
CA GLY A 125 -2.61 -3.43 -17.00
C GLY A 125 -2.90 -3.76 -18.46
N ASP A 126 -3.18 -5.03 -18.73
CA ASP A 126 -3.48 -5.44 -20.10
C ASP A 126 -4.97 -5.60 -20.34
N GLY A 127 -5.78 -5.19 -19.36
CA GLY A 127 -7.23 -5.27 -19.47
C GLY A 127 -7.80 -6.63 -19.12
N GLN A 128 -6.93 -7.61 -18.89
CA GLN A 128 -7.33 -8.96 -18.54
C GLN A 128 -6.92 -9.30 -17.12
N THR A 129 -5.63 -9.19 -16.83
CA THR A 129 -5.15 -9.45 -15.48
C THR A 129 -5.37 -8.23 -14.59
N PHE A 130 -5.12 -7.03 -15.12
CA PHE A 130 -5.37 -5.79 -14.38
C PHE A 130 -5.96 -4.74 -15.31
N ILE A 131 -6.74 -3.84 -14.72
CA ILE A 131 -7.02 -2.54 -15.30
C ILE A 131 -6.04 -1.54 -14.61
N PRO A 132 -6.07 -0.25 -14.98
CA PRO A 132 -5.00 0.61 -14.46
C PRO A 132 -4.89 0.57 -12.94
N LEU A 133 -3.69 0.29 -12.45
CA LEU A 133 -3.55 -0.19 -11.07
C LEU A 133 -3.77 0.87 -10.01
N SER A 134 -3.64 2.15 -10.38
CA SER A 134 -3.92 3.21 -9.44
C SER A 134 -5.40 3.31 -9.08
N GLY A 135 -6.25 2.52 -9.74
CA GLY A 135 -7.66 2.45 -9.37
C GLY A 135 -7.91 1.78 -8.02
N GLY A 136 -6.89 1.15 -7.46
CA GLY A 136 -7.03 0.49 -6.17
C GLY A 136 -6.39 1.31 -5.08
N ILE A 137 -7.17 1.77 -4.12
CA ILE A 137 -6.60 2.55 -3.04
C ILE A 137 -5.60 1.71 -2.23
N ASP A 138 -5.89 0.42 -2.03
CA ASP A 138 -4.94 -0.45 -1.34
C ASP A 138 -3.63 -0.58 -2.14
N VAL A 139 -3.71 -0.54 -3.46
CA VAL A 139 -2.52 -0.59 -4.31
C VAL A 139 -1.68 0.68 -4.15
N VAL A 140 -2.31 1.84 -4.24
CA VAL A 140 -1.58 3.09 -4.09
C VAL A 140 -0.91 3.15 -2.72
N ALA A 141 -1.65 2.81 -1.67
CA ALA A 141 -1.07 2.86 -0.33
C ALA A 141 0.01 1.78 -0.14
N HIS A 142 -0.15 0.63 -0.80
CA HIS A 142 0.89 -0.40 -0.80
C HIS A 142 2.19 0.19 -1.37
N GLU A 143 2.09 0.90 -2.50
CA GLU A 143 3.29 1.46 -3.13
C GLU A 143 3.93 2.55 -2.28
N LEU A 144 3.13 3.47 -1.76
CA LEU A 144 3.71 4.54 -0.94
C LEU A 144 4.32 3.97 0.33
N THR A 145 3.73 2.89 0.85
CA THR A 145 4.27 2.26 2.03
C THR A 145 5.66 1.66 1.78
N HIS A 146 5.95 1.22 0.55
CA HIS A 146 7.31 0.79 0.25
C HIS A 146 8.30 1.94 0.52
N ALA A 147 7.92 3.16 0.17
CA ALA A 147 8.78 4.31 0.42
C ALA A 147 8.98 4.51 1.93
N VAL A 148 7.90 4.40 2.69
CA VAL A 148 7.98 4.51 4.15
C VAL A 148 8.94 3.46 4.72
N THR A 149 8.75 2.22 4.30
CA THR A 149 9.65 1.15 4.73
C THR A 149 11.10 1.46 4.37
N ASP A 150 11.33 1.89 3.14
CA ASP A 150 12.70 2.16 2.72
C ASP A 150 13.37 3.25 3.54
N TYR A 151 12.58 4.22 4.01
CA TYR A 151 13.13 5.32 4.81
C TYR A 151 13.24 4.98 6.29
N THR A 152 12.68 3.85 6.70
CA THR A 152 12.63 3.49 8.11
C THR A 152 13.36 2.17 8.35
N ALA A 153 12.63 1.06 8.45
CA ALA A 153 13.28 -0.23 8.70
C ALA A 153 14.29 -0.59 7.62
N GLY A 154 13.98 -0.28 6.37
CA GLY A 154 14.91 -0.57 5.29
C GLY A 154 14.99 -2.05 4.92
N LEU A 155 13.92 -2.79 5.21
CA LEU A 155 13.85 -4.22 4.97
C LEU A 155 14.33 -4.58 3.57
N ILE A 156 15.39 -5.39 3.51
CA ILE A 156 15.97 -5.84 2.24
C ILE A 156 14.92 -6.65 1.47
N TYR A 157 14.82 -6.42 0.16
CA TYR A 157 13.72 -6.99 -0.63
C TYR A 157 14.00 -8.41 -1.11
N GLN A 158 14.25 -9.31 -0.17
CA GLN A 158 14.37 -10.72 -0.49
C GLN A 158 14.19 -11.57 0.73
N ASN A 159 13.78 -12.83 0.51
CA ASN A 159 13.63 -13.78 1.59
C ASN A 159 12.74 -13.26 2.71
N GLU A 160 13.04 -13.55 3.97
CA GLU A 160 12.11 -13.18 5.04
C GLU A 160 11.94 -11.68 5.23
N SER A 161 13.04 -10.93 5.20
CA SER A 161 12.93 -9.48 5.32
CA SER A 161 12.96 -9.48 5.30
C SER A 161 12.07 -8.92 4.19
N GLY A 162 12.20 -9.48 2.99
CA GLY A 162 11.43 -9.02 1.86
C GLY A 162 9.96 -9.37 1.97
N ALA A 163 9.65 -10.52 2.55
CA ALA A 163 8.26 -10.90 2.81
C ALA A 163 7.64 -9.97 3.87
N ILE A 164 8.44 -9.57 4.85
CA ILE A 164 7.93 -8.61 5.83
C ILE A 164 7.69 -7.27 5.15
N ASN A 165 8.63 -6.85 4.32
CA ASN A 165 8.49 -5.63 3.52
C ASN A 165 7.14 -5.65 2.77
N GLU A 166 6.89 -6.75 2.06
CA GLU A 166 5.63 -6.91 1.33
C GLU A 166 4.40 -6.88 2.24
N ALA A 167 4.45 -7.62 3.34
CA ALA A 167 3.31 -7.65 4.25
C ALA A 167 3.04 -6.26 4.82
N ILE A 168 4.10 -5.53 5.16
CA ILE A 168 3.93 -4.18 5.68
C ILE A 168 3.14 -3.33 4.67
N SER A 169 3.48 -3.45 3.38
CA SER A 169 2.76 -2.72 2.33
C SER A 169 1.30 -3.19 2.19
N ASP A 170 1.05 -4.51 2.32
CA ASP A 170 -0.33 -5.01 2.27
C ASP A 170 -1.13 -4.56 3.49
N ILE A 171 -0.50 -4.60 4.66
CA ILE A 171 -1.14 -4.23 5.91
C ILE A 171 -1.55 -2.76 5.88
N PHE A 172 -0.61 -1.86 5.60
CA PHE A 172 -0.97 -0.45 5.54
C PHE A 172 -1.80 -0.09 4.31
N GLY A 173 -1.63 -0.81 3.20
CA GLY A 173 -2.55 -0.63 2.09
C GLY A 173 -3.99 -0.86 2.53
N THR A 174 -4.18 -1.95 3.28
CA THR A 174 -5.50 -2.30 3.78
C THR A 174 -6.00 -1.31 4.83
N LEU A 175 -5.13 -0.88 5.74
CA LEU A 175 -5.56 0.08 6.75
C LEU A 175 -5.93 1.42 6.11
N VAL A 176 -5.23 1.81 5.05
CA VAL A 176 -5.63 3.01 4.31
C VAL A 176 -6.99 2.81 3.63
N GLU A 177 -7.20 1.62 3.06
CA GLU A 177 -8.50 1.31 2.46
C GLU A 177 -9.61 1.44 3.50
N PHE A 178 -9.39 0.93 4.71
CA PHE A 178 -10.40 1.09 5.75
C PHE A 178 -10.56 2.54 6.17
N TYR A 179 -9.45 3.29 6.19
CA TYR A 179 -9.48 4.71 6.55
C TYR A 179 -10.39 5.50 5.61
N ALA A 180 -10.27 5.23 4.31
CA ALA A 180 -11.13 5.88 3.32
C ALA A 180 -12.57 5.37 3.41
N ASN A 181 -12.72 4.11 3.85
CA ASN A 181 -14.03 3.53 4.15
C ASN A 181 -14.97 3.37 2.96
N LYS A 182 -14.42 3.02 1.80
CA LYS A 182 -15.23 2.68 0.64
C LYS A 182 -14.95 1.23 0.25
N ASN A 183 -15.97 0.39 0.46
CA ASN A 183 -15.86 -1.04 0.20
C ASN A 183 -14.60 -1.67 0.80
N PRO A 184 -14.31 -1.40 2.08
CA PRO A 184 -13.05 -1.93 2.62
C PRO A 184 -13.11 -3.43 2.87
N ASP A 185 -11.96 -4.07 2.76
CA ASP A 185 -11.86 -5.50 2.98
C ASP A 185 -10.41 -5.84 3.30
N TRP A 186 -10.15 -7.12 3.53
CA TRP A 186 -8.81 -7.61 3.82
C TRP A 186 -8.23 -8.34 2.61
N GLU A 187 -8.71 -7.97 1.43
CA GLU A 187 -8.19 -8.50 0.17
C GLU A 187 -7.28 -7.44 -0.45
N ILE A 188 -6.38 -7.85 -1.33
CA ILE A 188 -5.45 -6.91 -1.96
C ILE A 188 -5.72 -6.81 -3.46
N GLY A 189 -6.03 -5.60 -3.92
CA GLY A 189 -6.10 -5.30 -5.34
C GLY A 189 -7.39 -5.66 -6.04
N GLU A 190 -8.41 -6.02 -5.26
CA GLU A 190 -9.68 -6.48 -5.81
C GLU A 190 -10.35 -5.48 -6.78
N ASP A 191 -10.10 -4.19 -6.59
CA ASP A 191 -10.77 -3.18 -7.42
C ASP A 191 -10.21 -3.10 -8.84
N VAL A 192 -8.97 -3.59 -9.03
CA VAL A 192 -8.32 -3.47 -10.33
C VAL A 192 -7.88 -4.80 -10.93
N TYR A 193 -8.09 -5.88 -10.19
CA TYR A 193 -7.67 -7.21 -10.61
C TYR A 193 -8.78 -7.92 -11.40
N THR A 194 -8.38 -8.52 -12.53
CA THR A 194 -9.26 -9.37 -13.35
C THR A 194 -10.68 -8.84 -13.50
N PRO A 195 -10.85 -7.84 -14.38
CA PRO A 195 -12.18 -7.27 -14.56
C PRO A 195 -13.22 -8.29 -15.03
N GLY A 196 -12.79 -9.37 -15.65
CA GLY A 196 -13.70 -10.39 -16.13
C GLY A 196 -14.12 -11.39 -15.06
N ILE A 197 -13.54 -11.30 -13.88
CA ILE A 197 -13.83 -12.22 -12.79
C ILE A 197 -14.21 -11.47 -11.52
N SER A 198 -15.45 -11.64 -11.08
CA SER A 198 -15.92 -10.97 -9.88
C SER A 198 -15.55 -11.76 -8.63
N GLY A 199 -15.25 -11.04 -7.55
CA GLY A 199 -15.11 -11.69 -6.26
C GLY A 199 -13.71 -12.16 -5.90
N ASP A 200 -12.75 -11.97 -6.80
CA ASP A 200 -11.39 -12.41 -6.52
C ASP A 200 -10.47 -11.24 -6.22
N SER A 201 -9.18 -11.51 -6.07
CA SER A 201 -8.21 -10.48 -5.72
C SER A 201 -6.83 -11.06 -5.97
N LEU A 202 -5.82 -10.20 -5.87
CA LEU A 202 -4.46 -10.66 -6.09
C LEU A 202 -3.94 -11.48 -4.92
N ARG A 203 -4.21 -10.99 -3.71
CA ARG A 203 -3.91 -11.72 -2.48
C ARG A 203 -5.07 -11.56 -1.53
N SER A 204 -5.14 -12.45 -0.55
CA SER A 204 -6.06 -12.31 0.56
C SER A 204 -5.25 -12.32 1.84
N MET A 205 -5.53 -11.37 2.73
CA MET A 205 -4.92 -11.38 4.06
C MET A 205 -5.71 -12.27 5.00
N SER A 206 -7.01 -12.36 4.79
CA SER A 206 -7.86 -13.13 5.69
C SER A 206 -7.69 -14.63 5.45
N ASP A 207 -7.43 -15.00 4.20
CA ASP A 207 -7.19 -16.39 3.85
C ASP A 207 -6.20 -16.45 2.70
N PRO A 208 -4.91 -16.28 3.00
CA PRO A 208 -3.92 -16.24 1.90
C PRO A 208 -3.94 -17.50 1.04
N ALA A 209 -4.31 -18.62 1.64
CA ALA A 209 -4.26 -19.89 0.94
C ALA A 209 -5.25 -20.01 -0.20
N LYS A 210 -6.23 -19.13 -0.23
CA LYS A 210 -7.23 -19.19 -1.30
C LYS A 210 -6.55 -18.98 -2.66
N TYR A 211 -5.38 -18.34 -2.66
CA TYR A 211 -4.59 -18.17 -3.89
C TYR A 211 -3.25 -18.93 -3.84
N GLY A 212 -3.16 -19.90 -2.94
CA GLY A 212 -1.96 -20.72 -2.84
C GLY A 212 -0.82 -20.08 -2.05
N ASP A 213 -1.07 -18.94 -1.43
CA ASP A 213 -0.05 -18.33 -0.57
C ASP A 213 -0.10 -18.95 0.82
N PRO A 214 1.07 -19.12 1.45
CA PRO A 214 1.13 -19.79 2.74
C PRO A 214 0.48 -18.99 3.87
N ASP A 215 -0.13 -19.72 4.79
CA ASP A 215 -0.76 -19.11 5.97
C ASP A 215 -0.17 -19.69 7.25
N HIS A 216 1.00 -20.31 7.11
CA HIS A 216 1.71 -20.90 8.24
C HIS A 216 3.17 -21.05 7.84
N TYR A 217 4.07 -20.83 8.80
CA TYR A 217 5.50 -20.86 8.54
C TYR A 217 5.97 -22.19 7.96
N SER A 218 5.30 -23.28 8.32
CA SER A 218 5.65 -24.60 7.80
C SER A 218 5.39 -24.73 6.30
N LYS A 219 4.67 -23.77 5.72
CA LYS A 219 4.35 -23.81 4.29
C LYS A 219 5.10 -22.74 3.52
N ARG A 220 6.12 -22.15 4.16
CA ARG A 220 6.87 -21.09 3.49
C ARG A 220 7.59 -21.58 2.24
N TYR A 221 7.69 -20.71 1.26
CA TYR A 221 8.45 -20.96 0.06
C TYR A 221 9.94 -20.66 0.32
N THR A 222 10.81 -21.55 -0.14
CA THR A 222 12.24 -21.38 0.11
C THR A 222 13.05 -21.36 -1.18
N GLY A 223 12.36 -21.30 -2.31
CA GLY A 223 13.02 -21.21 -3.61
C GLY A 223 13.49 -19.81 -3.95
N THR A 224 13.90 -19.60 -5.19
CA THR A 224 14.50 -18.33 -5.60
C THR A 224 13.59 -17.39 -6.39
N GLN A 225 12.47 -17.90 -6.88
N GLN A 225 12.47 -17.90 -6.89
CA GLN A 225 11.50 -17.08 -7.62
CA GLN A 225 11.55 -17.06 -7.66
C GLN A 225 11.04 -15.91 -6.77
C GLN A 225 11.01 -15.93 -6.79
N ASP A 226 10.71 -14.80 -7.42
CA ASP A 226 10.08 -13.68 -6.72
C ASP A 226 10.93 -13.21 -5.54
N ASN A 227 12.24 -13.11 -5.76
CA ASN A 227 13.17 -12.68 -4.72
C ASN A 227 13.05 -13.53 -3.47
N GLY A 228 12.90 -14.83 -3.65
CA GLY A 228 12.74 -15.73 -2.53
C GLY A 228 11.32 -15.70 -1.98
N GLY A 229 10.35 -15.41 -2.84
CA GLY A 229 8.95 -15.49 -2.47
C GLY A 229 8.39 -14.31 -1.68
N VAL A 230 8.85 -13.09 -1.96
CA VAL A 230 8.41 -11.96 -1.15
C VAL A 230 6.91 -11.71 -1.22
N HIS A 231 6.29 -11.98 -2.38
CA HIS A 231 4.84 -11.80 -2.54
C HIS A 231 4.05 -13.04 -2.20
N ILE A 232 4.76 -14.08 -1.76
CA ILE A 232 4.18 -15.38 -1.43
C ILE A 232 4.21 -15.55 0.08
N ASN A 233 5.41 -15.53 0.64
CA ASN A 233 5.58 -15.63 2.09
C ASN A 233 4.98 -14.46 2.87
N SER A 234 4.67 -13.37 2.19
CA SER A 234 3.97 -12.27 2.86
C SER A 234 2.64 -12.76 3.43
N GLY A 235 2.07 -13.82 2.85
CA GLY A 235 0.83 -14.37 3.37
C GLY A 235 0.89 -14.80 4.83
N ILE A 236 2.06 -15.26 5.27
CA ILE A 236 2.23 -15.71 6.64
C ILE A 236 2.08 -14.54 7.61
N ILE A 237 2.70 -13.41 7.26
CA ILE A 237 2.62 -12.22 8.08
C ILE A 237 1.27 -11.51 7.92
N ASN A 238 0.74 -11.47 6.69
CA ASN A 238 -0.59 -10.93 6.46
C ASN A 238 -1.64 -11.64 7.30
N LYS A 239 -1.56 -12.97 7.37
CA LYS A 239 -2.48 -13.75 8.18
C LYS A 239 -2.35 -13.39 9.66
N ALA A 240 -1.11 -13.27 10.14
CA ALA A 240 -0.89 -12.90 11.53
C ALA A 240 -1.50 -11.53 11.83
N ALA A 241 -1.30 -10.59 10.93
CA ALA A 241 -1.85 -9.23 11.10
C ALA A 241 -3.38 -9.26 11.10
N TYR A 242 -3.96 -9.99 10.16
CA TYR A 242 -5.41 -10.17 10.12
C TYR A 242 -5.94 -10.74 11.44
N LEU A 243 -5.25 -11.75 11.98
CA LEU A 243 -5.68 -12.37 13.22
C LEU A 243 -5.58 -11.39 14.38
N ILE A 244 -4.49 -10.63 14.45
CA ILE A 244 -4.34 -9.64 15.51
C ILE A 244 -5.53 -8.69 15.51
N SER A 245 -5.92 -8.22 14.33
CA SER A 245 -7.02 -7.26 14.24
C SER A 245 -8.39 -7.90 14.47
N GLN A 246 -8.67 -8.98 13.74
CA GLN A 246 -10.01 -9.53 13.63
C GLN A 246 -10.26 -10.75 14.49
N GLY A 247 -9.18 -11.36 14.98
CA GLY A 247 -9.28 -12.59 15.73
C GLY A 247 -9.61 -13.79 14.86
N GLY A 248 -9.65 -14.96 15.49
CA GLY A 248 -10.02 -16.19 14.82
C GLY A 248 -9.28 -17.36 15.41
N THR A 249 -9.65 -18.56 14.99
CA THR A 249 -8.93 -19.77 15.38
C THR A 249 -8.34 -20.38 14.13
N HIS A 250 -7.02 -20.53 14.12
CA HIS A 250 -6.27 -20.88 12.92
C HIS A 250 -5.31 -22.00 13.29
N TYR A 251 -5.43 -23.13 12.59
CA TYR A 251 -4.74 -24.36 12.96
C TYR A 251 -4.89 -24.64 14.45
N GLY A 252 -6.10 -24.43 14.97
CA GLY A 252 -6.39 -24.77 16.34
C GLY A 252 -5.98 -23.75 17.39
N VAL A 253 -5.34 -22.67 16.96
CA VAL A 253 -4.87 -21.63 17.88
C VAL A 253 -5.79 -20.43 17.84
N SER A 254 -6.38 -20.08 18.98
CA SER A 254 -7.34 -18.98 19.03
C SER A 254 -6.68 -17.65 19.32
N VAL A 255 -7.10 -16.64 18.58
CA VAL A 255 -6.56 -15.30 18.73
C VAL A 255 -7.71 -14.35 19.05
N VAL A 256 -7.54 -13.56 20.11
CA VAL A 256 -8.52 -12.54 20.46
C VAL A 256 -8.20 -11.26 19.67
N GLY A 257 -9.11 -10.86 18.79
CA GLY A 257 -8.88 -9.67 17.97
C GLY A 257 -8.87 -8.40 18.80
N ILE A 258 -8.02 -7.45 18.42
CA ILE A 258 -7.93 -6.17 19.13
C ILE A 258 -8.27 -4.97 18.24
N GLY A 259 -8.59 -5.22 16.97
CA GLY A 259 -9.06 -4.16 16.09
C GLY A 259 -7.97 -3.55 15.22
N ARG A 260 -8.40 -2.87 14.17
CA ARG A 260 -7.50 -2.33 13.14
C ARG A 260 -6.60 -1.23 13.67
N ASP A 261 -7.15 -0.36 14.50
CA ASP A 261 -6.37 0.79 14.95
C ASP A 261 -5.16 0.33 15.75
N LYS A 262 -5.38 -0.62 16.66
CA LYS A 262 -4.29 -1.13 17.46
C LYS A 262 -3.28 -1.94 16.62
N LEU A 263 -3.77 -2.72 15.66
CA LEU A 263 -2.88 -3.38 14.70
C LEU A 263 -1.96 -2.35 14.06
N GLY A 264 -2.55 -1.27 13.57
CA GLY A 264 -1.78 -0.24 12.91
C GLY A 264 -0.75 0.41 13.81
N LYS A 265 -1.14 0.70 15.06
CA LYS A 265 -0.21 1.29 16.02
C LYS A 265 0.96 0.35 16.30
N ILE A 266 0.67 -0.92 16.50
CA ILE A 266 1.69 -1.88 16.82
C ILE A 266 2.66 -2.07 15.66
N PHE A 267 2.13 -2.23 14.45
CA PHE A 267 3.00 -2.44 13.29
C PHE A 267 3.76 -1.17 12.88
N TYR A 268 3.15 0.00 13.03
CA TYR A 268 3.86 1.23 12.73
C TYR A 268 5.05 1.41 13.67
N ARG A 269 4.82 1.13 14.95
CA ARG A 269 5.90 1.25 15.93
C ARG A 269 6.99 0.21 15.64
N ALA A 270 6.59 -1.01 15.32
CA ALA A 270 7.59 -2.03 14.97
C ALA A 270 8.43 -1.58 13.76
N LEU A 271 7.75 -1.09 12.74
CA LEU A 271 8.41 -0.68 11.50
C LEU A 271 9.41 0.43 11.73
N THR A 272 9.05 1.37 12.60
CA THR A 272 9.82 2.59 12.75
C THR A 272 10.82 2.59 13.91
N GLN A 273 10.66 1.69 14.87
CA GLN A 273 11.55 1.69 16.03
CA GLN A 273 11.50 1.68 16.07
C GLN A 273 12.30 0.40 16.28
N TYR A 274 11.86 -0.71 15.67
CA TYR A 274 12.48 -2.00 15.99
C TYR A 274 13.02 -2.82 14.82
N LEU A 275 12.32 -2.83 13.70
CA LEU A 275 12.78 -3.61 12.55
C LEU A 275 14.03 -3.00 11.92
N THR A 276 14.86 -3.85 11.32
CA THR A 276 16.08 -3.42 10.66
C THR A 276 16.10 -4.04 9.27
N PRO A 277 17.10 -3.72 8.45
CA PRO A 277 17.07 -4.21 7.07
C PRO A 277 17.07 -5.73 6.97
N THR A 278 17.63 -6.42 7.97
CA THR A 278 17.75 -7.87 7.90
C THR A 278 16.77 -8.65 8.79
N SER A 279 15.79 -7.96 9.38
CA SER A 279 14.84 -8.66 10.25
C SER A 279 14.20 -9.86 9.59
N ASN A 280 14.15 -10.98 10.30
CA ASN A 280 13.40 -12.16 9.86
C ASN A 280 12.06 -12.24 10.58
N PHE A 281 11.27 -13.28 10.29
CA PHE A 281 9.94 -13.39 10.87
C PHE A 281 9.96 -13.45 12.40
N SER A 282 10.90 -14.23 12.94
CA SER A 282 11.05 -14.34 14.39
CA SER A 282 11.04 -14.33 14.39
C SER A 282 11.36 -12.98 15.01
N GLN A 283 12.20 -12.19 14.34
CA GLN A 283 12.53 -10.86 14.81
C GLN A 283 11.34 -9.90 14.67
N LEU A 284 10.51 -10.09 13.66
CA LEU A 284 9.27 -9.32 13.56
C LEU A 284 8.36 -9.64 14.74
N ARG A 285 8.23 -10.92 15.09
CA ARG A 285 7.40 -11.28 16.24
C ARG A 285 7.89 -10.52 17.46
N ALA A 286 9.20 -10.56 17.70
CA ALA A 286 9.77 -9.88 18.87
C ALA A 286 9.51 -8.38 18.83
N ALA A 287 9.64 -7.79 17.65
CA ALA A 287 9.40 -6.36 17.48
C ALA A 287 7.94 -5.97 17.74
N ALA A 288 7.02 -6.79 17.26
CA ALA A 288 5.59 -6.55 17.49
C ALA A 288 5.23 -6.73 18.96
N VAL A 289 5.79 -7.75 19.61
CA VAL A 289 5.56 -7.93 21.03
C VAL A 289 6.10 -6.75 21.83
N GLN A 290 7.30 -6.31 21.50
CA GLN A 290 7.88 -5.18 22.21
C GLN A 290 7.06 -3.91 21.96
N SER A 291 6.62 -3.72 20.71
CA SER A 291 5.82 -2.54 20.39
C SER A 291 4.50 -2.52 21.15
N ALA A 292 3.82 -3.65 21.18
CA ALA A 292 2.59 -3.77 21.94
C ALA A 292 2.83 -3.56 23.44
N THR A 293 3.99 -4.03 23.93
CA THR A 293 4.34 -3.84 25.33
C THR A 293 4.52 -2.36 25.62
N ASP A 294 5.22 -1.65 24.74
CA ASP A 294 5.44 -0.21 24.90
C ASP A 294 4.10 0.54 24.96
N LEU A 295 3.18 0.18 24.07
CA LEU A 295 1.94 0.90 23.90
C LEU A 295 0.87 0.57 24.92
N TYR A 296 0.82 -0.70 25.35
CA TYR A 296 -0.33 -1.20 26.12
C TYR A 296 0.03 -1.91 27.41
N GLY A 297 1.29 -2.23 27.60
CA GLY A 297 1.74 -2.85 28.82
C GLY A 297 1.96 -4.35 28.68
N SER A 298 2.92 -4.88 29.43
CA SER A 298 3.30 -6.28 29.31
C SER A 298 2.16 -7.28 29.60
N THR A 299 1.23 -6.89 30.48
CA THR A 299 0.15 -7.79 30.86
C THR A 299 -1.12 -7.57 30.05
N SER A 300 -1.01 -6.78 28.98
CA SER A 300 -2.19 -6.38 28.22
C SER A 300 -2.74 -7.48 27.32
N GLN A 301 -4.02 -7.36 26.98
CA GLN A 301 -4.61 -8.22 25.98
C GLN A 301 -3.90 -8.06 24.65
N GLU A 302 -3.48 -6.84 24.34
CA GLU A 302 -2.85 -6.55 23.06
C GLU A 302 -1.57 -7.37 22.89
N VAL A 303 -0.75 -7.41 23.92
CA VAL A 303 0.45 -8.23 23.90
C VAL A 303 0.12 -9.73 23.77
N ALA A 304 -0.87 -10.19 24.54
CA ALA A 304 -1.27 -11.59 24.46
C ALA A 304 -1.74 -11.97 23.06
N SER A 305 -2.48 -11.06 22.43
CA SER A 305 -3.01 -11.32 21.10
C SER A 305 -1.93 -11.35 20.02
N VAL A 306 -0.93 -10.48 20.14
CA VAL A 306 0.21 -10.53 19.22
C VAL A 306 0.89 -11.90 19.31
N LYS A 307 1.14 -12.38 20.53
CA LYS A 307 1.76 -13.70 20.70
C LYS A 307 0.91 -14.82 20.12
N GLN A 308 -0.41 -14.77 20.38
CA GLN A 308 -1.33 -15.77 19.86
C GLN A 308 -1.30 -15.83 18.35
N ALA A 309 -1.29 -14.67 17.72
CA ALA A 309 -1.34 -14.58 16.26
C ALA A 309 -0.08 -15.17 15.65
N PHE A 310 1.09 -14.81 16.18
CA PHE A 310 2.32 -15.40 15.65
C PHE A 310 2.40 -16.91 15.96
N ASP A 311 1.90 -17.33 17.12
CA ASP A 311 1.81 -18.76 17.40
C ASP A 311 0.97 -19.44 16.34
N ALA A 312 -0.16 -18.84 16.00
CA ALA A 312 -1.09 -19.43 15.05
C ALA A 312 -0.47 -19.64 13.66
N VAL A 313 0.43 -18.76 13.25
CA VAL A 313 1.10 -18.92 11.96
C VAL A 313 2.48 -19.59 12.07
N GLY A 314 2.77 -20.15 13.24
CA GLY A 314 3.99 -20.94 13.41
C GLY A 314 5.29 -20.17 13.48
N VAL A 315 5.22 -18.90 13.89
CA VAL A 315 6.41 -18.06 14.05
C VAL A 315 6.74 -17.84 15.52
N LYS A 316 7.89 -18.34 15.94
CA LYS A 316 8.29 -18.23 17.35
C LYS A 316 9.40 -17.21 17.53
C23 UBU B . 11.49 -2.37 -8.49
C22 UBU B . 12.22 -1.18 -8.50
C21 UBU B . 13.29 -1.01 -7.63
C20 UBU B . 13.63 -2.04 -6.75
C19 UBU B . 12.91 -3.23 -6.76
C1 UBU B . 11.84 -3.39 -7.62
C2 UBU B . 11.06 -4.68 -7.63
O3 UBU B . 9.89 -4.50 -6.83
O3 UBU B . 9.93 -4.51 -6.76
C4 UBU B . 8.59 -4.49 -7.44
C4 UBU B . 8.62 -4.90 -7.23
O26 UBU B . 8.50 -4.24 -8.62
O26 UBU B . 8.55 -5.86 -7.96
N5 UBU B . 7.56 -4.72 -6.64
N5 UBU B . 7.56 -4.21 -6.81
C6 UBU B . 6.21 -4.63 -7.16
P7 UBU B . 5.05 -4.17 -5.86
O24 UBU B . 5.38 -2.68 -5.41
O8 UBU B . 5.08 -5.19 -4.73
N9 UBU B . 3.54 -4.24 -6.60
C10 UBU B . 2.41 -4.94 -5.98
C11 UBU B . 2.49 -6.43 -6.17
N12 UBU B . 3.01 -6.87 -7.32
C13 UBU B . 3.02 -8.27 -7.69
C14 UBU B . 2.20 -8.52 -8.94
C15 UBU B . 1.19 -4.40 -6.71
C16 UBU B . -0.12 -4.98 -6.16
C17 UBU B . -1.26 -4.73 -7.14
C18 UBU B . -0.47 -4.39 -4.80
O25 UBU B . 2.08 -7.18 -5.29
C1 GOL C . -7.22 5.08 -18.80
O1 GOL C . -8.24 4.50 -18.06
C2 GOL C . -6.71 4.40 -20.02
O2 GOL C . -5.63 3.57 -19.74
C3 GOL C . -6.46 5.34 -21.15
O3 GOL C . -7.42 5.48 -22.14
C1 GOL D . 16.19 0.54 12.75
O1 GOL D . 15.58 1.44 11.88
C2 GOL D . 15.68 0.57 14.15
O2 GOL D . 15.68 1.83 14.70
C3 GOL D . 16.29 -0.44 15.05
O3 GOL D . 17.64 -0.31 15.27
C1 GOL E . 5.62 -6.81 -14.71
O1 GOL E . 5.66 -7.34 -13.44
C2 GOL E . 4.54 -7.35 -15.58
O2 GOL E . 4.57 -8.72 -15.70
C3 GOL E . 4.37 -6.67 -16.90
O3 GOL E . 3.10 -6.78 -17.44
C1 GOL F . 11.06 -2.89 -3.75
O1 GOL F . 10.93 -2.83 -2.38
C2 GOL F . 10.19 -1.96 -4.52
O2 GOL F . 10.41 -0.64 -4.18
C3 GOL F . 8.75 -2.31 -4.43
O3 GOL F . 7.90 -1.59 -5.25
S DMS G . 9.81 -4.74 -11.57
O DMS G . 10.66 -5.58 -12.91
C1 DMS G . 9.75 -2.98 -11.92
C2 DMS G . 8.11 -5.34 -11.47
S DMS H . 1.23 -26.79 10.79
O DMS H . 0.03 -26.32 12.05
C1 DMS H . 1.94 -28.35 11.27
C2 DMS H . 0.33 -26.99 9.24
S DMS I . 2.74 26.60 -5.84
O DMS I . 3.61 28.11 -6.28
C1 DMS I . 3.94 25.41 -5.20
C2 DMS I . 1.56 26.99 -4.56
S DMS J . -8.01 32.07 -16.05
O DMS J . -8.78 33.67 -16.40
C1 DMS J . -7.25 32.08 -14.43
C2 DMS J . -9.29 30.80 -16.06
S DMS K . 9.15 14.77 13.22
O DMS K . 10.92 14.57 13.48
C1 DMS K . 8.34 14.95 14.82
C2 DMS K . 8.83 16.25 12.24
ZN ZN L . 5.00 -4.51 -2.88
CA CA M . -12.15 -3.05 -1.27
CA CA N . -8.64 -4.29 -0.62
CA CA O . -11.56 -9.51 -10.53
CA CA P . -9.47 18.40 -19.29
#